data_7QP4
#
_entry.id   7QP4
#
_cell.length_a   99.381
_cell.length_b   99.381
_cell.length_c   129.308
_cell.angle_alpha   90.000
_cell.angle_beta   90.000
_cell.angle_gamma   120.000
#
_symmetry.space_group_name_H-M   'P 61'
#
loop_
_entity.id
_entity.type
_entity.pdbx_description
1 polymer 'Nuclear receptor ROR-gamma'
2 polymer HIS-VAL-GLU-ARG-LEU-GLN-ILE-PHE-GLN-HIS-LEU-HIS-PRO-ILE-VAL
3 non-polymer 'ACETATE ION'
4 non-polymer (3~{S},8~{S},9~{S},10~{R},13~{R},14~{S},17~{R})-17-[(6~{R})-2,10-dimethyl-2-oxidanyl-undecan-6-yl]-10,13-dimethyl-2,3,4,7,8,9,11,12,14,15,16,17-dodecahydro-1~{H}-cyclopenta[a]phenanthren-3-ol
5 water water
#
loop_
_entity_poly.entity_id
_entity_poly.type
_entity_poly.pdbx_seq_one_letter_code
_entity_poly.pdbx_strand_id
1 'polypeptide(L)'
;GSHMYASLTEIEHLVQSVCKSYRETCQLRLEDLLRQRSNIFSREEVTGYQRKSMWEMWERCAHHLTEAIQYVVEFAKRLS
GFMELCQNDQIVLLKAGAMEVVLVRMCRAYNADNRTVFFEGKYGGMELFRALGCSELISSIFDFSHSLSALHFSEDEIAL
YTALVLINAHRPGLQEKRKVEQLQYNLELAFHHHLCKTHRQSILAKLPPKGKLRSLCSQHVERLQIFQHLHPIVVQAAFP
PLYKELFSTETESPVGLSK
;
A,B
2 'polypeptide(L)' HVERLQIFQHLHPIV P
#
loop_
_chem_comp.id
_chem_comp.type
_chem_comp.name
_chem_comp.formula
ACT non-polymer 'ACETATE ION' 'C2 H3 O2 -1'
ECK non-polymer (3~{S},8~{S},9~{S},10~{R},13~{R},14~{S},17~{R})-17-[(6~{R})-2,10-dimethyl-2-oxidanyl-undecan-6-yl]-10,13-dimethyl-2,3,4,7,8,9,11,12,14,15,16,17-dodecahydro-1~{H}-cyclopenta[a]phenanthren-3-ol 'C32 H56 O2'
#
# COMPACT_ATOMS: atom_id res chain seq x y z
N ALA A 6 6.04 -21.26 -27.96
CA ALA A 6 6.54 -22.63 -27.99
C ALA A 6 8.06 -22.71 -28.24
N SER A 7 8.61 -21.80 -29.04
CA SER A 7 10.02 -21.92 -29.43
C SER A 7 10.94 -21.61 -28.26
N LEU A 8 12.17 -22.13 -28.35
CA LEU A 8 13.17 -21.84 -27.34
C LEU A 8 13.63 -20.37 -27.38
N THR A 9 13.36 -19.67 -28.49
CA THR A 9 13.68 -18.25 -28.52
C THR A 9 12.74 -17.46 -27.64
N GLU A 10 11.48 -17.88 -27.57
CA GLU A 10 10.51 -17.20 -26.74
C GLU A 10 10.70 -17.55 -25.26
N ILE A 11 11.08 -18.80 -24.97
CA ILE A 11 11.35 -19.20 -23.60
C ILE A 11 12.55 -18.44 -23.06
N GLU A 12 13.62 -18.35 -23.85
CA GLU A 12 14.81 -17.61 -23.44
C GLU A 12 14.48 -16.14 -23.22
N HIS A 13 13.59 -15.58 -24.03
CA HIS A 13 13.20 -14.20 -23.82
C HIS A 13 12.42 -14.05 -22.52
N LEU A 14 11.53 -15.00 -22.22
CA LEU A 14 10.83 -15.03 -20.94
C LEU A 14 11.80 -15.08 -19.76
N VAL A 15 12.79 -15.98 -19.84
CA VAL A 15 13.86 -16.02 -18.84
C VAL A 15 14.49 -14.63 -18.67
N GLN A 16 14.88 -14.01 -19.77
CA GLN A 16 15.59 -12.75 -19.68
C GLN A 16 14.69 -11.69 -19.05
N SER A 17 13.39 -11.79 -19.31
CA SER A 17 12.45 -10.79 -18.84
C SER A 17 12.16 -10.96 -17.34
N VAL A 18 11.84 -12.18 -16.93
CA VAL A 18 11.64 -12.47 -15.52
C VAL A 18 12.88 -12.09 -14.72
N CYS A 19 14.07 -12.40 -15.23
CA CYS A 19 15.28 -12.01 -14.53
C CYS A 19 15.42 -10.50 -14.44
N LYS A 20 15.11 -9.77 -15.54
CA LYS A 20 15.18 -8.32 -15.49
C LYS A 20 14.21 -7.74 -14.47
N SER A 21 13.00 -8.31 -14.39
CA SER A 21 12.01 -7.85 -13.41
C SER A 21 12.53 -8.01 -11.98
N TYR A 22 13.20 -9.13 -11.71
CA TYR A 22 13.69 -9.33 -10.35
C TYR A 22 14.81 -8.35 -10.03
N ARG A 23 15.76 -8.20 -10.96
CA ARG A 23 16.84 -7.24 -10.78
C ARG A 23 16.29 -5.86 -10.40
N GLU A 24 15.19 -5.45 -11.00
CA GLU A 24 14.68 -4.12 -10.72
C GLU A 24 13.84 -4.05 -9.45
N THR A 25 13.52 -5.19 -8.85
CA THR A 25 12.65 -5.20 -7.69
C THR A 25 13.21 -6.08 -6.60
N CYS A 26 14.52 -6.29 -6.58
CA CYS A 26 15.11 -7.14 -5.55
C CYS A 26 15.29 -6.41 -4.24
N GLN A 27 15.00 -5.10 -4.21
CA GLN A 27 15.00 -4.26 -3.02
C GLN A 27 16.40 -4.02 -2.47
N LEU A 28 17.12 -5.10 -2.16
CA LEU A 28 18.48 -5.01 -1.63
C LEU A 28 19.43 -5.69 -2.60
N ARG A 29 20.43 -4.94 -3.07
CA ARG A 29 21.38 -5.48 -4.02
C ARG A 29 22.22 -6.55 -3.36
N LEU A 30 22.38 -7.68 -4.06
CA LEU A 30 23.22 -8.75 -3.56
C LEU A 30 24.61 -8.22 -3.21
N GLU A 31 25.20 -7.44 -4.13
CA GLU A 31 26.53 -6.86 -3.88
C GLU A 31 26.57 -6.13 -2.56
N ASP A 32 25.52 -5.38 -2.23
CA ASP A 32 25.52 -4.62 -0.99
C ASP A 32 25.37 -5.54 0.23
N LEU A 33 24.52 -6.56 0.13
CA LEU A 33 24.34 -7.52 1.22
C LEU A 33 25.66 -8.23 1.52
N LEU A 34 26.41 -8.62 0.49
CA LEU A 34 27.68 -9.31 0.71
C LEU A 34 28.72 -8.37 1.29
N ARG A 35 28.85 -7.17 0.74
CA ARG A 35 29.80 -6.18 1.24
C ARG A 35 29.52 -5.81 2.70
N GLN A 36 28.27 -5.90 3.14
CA GLN A 36 27.86 -5.55 4.49
C GLN A 36 28.01 -6.70 5.48
N ARG A 37 28.52 -7.85 5.05
CA ARG A 37 28.52 -9.01 5.94
C ARG A 37 29.38 -8.80 7.17
N SER A 38 30.47 -8.04 7.04
CA SER A 38 31.32 -7.77 8.19
C SER A 38 30.68 -6.78 9.16
N ASN A 39 29.56 -6.16 8.79
CA ASN A 39 28.87 -5.16 9.59
C ASN A 39 27.84 -5.88 10.46
N ILE A 40 28.26 -6.25 11.66
CA ILE A 40 27.45 -7.05 12.56
C ILE A 40 27.08 -6.19 13.77
N PHE A 41 25.88 -6.41 14.30
CA PHE A 41 25.49 -5.74 15.54
C PHE A 41 26.37 -6.20 16.69
N SER A 42 26.81 -5.26 17.50
CA SER A 42 27.57 -5.57 18.70
C SER A 42 26.64 -6.03 19.82
N ARG A 43 27.26 -6.60 20.86
CA ARG A 43 26.52 -7.19 21.97
C ARG A 43 25.59 -6.16 22.62
N GLU A 44 26.04 -4.91 22.67
CA GLU A 44 25.23 -3.87 23.30
C GLU A 44 24.07 -3.48 22.40
N GLU A 45 24.34 -3.34 21.10
CA GLU A 45 23.24 -3.06 20.16
C GLU A 45 22.20 -4.17 20.18
N VAL A 46 22.64 -5.42 20.28
CA VAL A 46 21.71 -6.54 20.38
C VAL A 46 20.90 -6.43 21.68
N THR A 47 21.58 -6.11 22.78
CA THR A 47 20.87 -5.85 24.03
C THR A 47 19.84 -4.74 23.86
N GLY A 48 20.18 -3.72 23.08
CA GLY A 48 19.25 -2.64 22.84
C GLY A 48 18.01 -3.10 22.10
N TYR A 49 18.18 -3.98 21.12
CA TYR A 49 17.03 -4.58 20.45
C TYR A 49 16.23 -5.45 21.41
N GLN A 50 16.91 -6.24 22.25
CA GLN A 50 16.19 -7.14 23.14
C GLN A 50 15.48 -6.39 24.25
N ARG A 51 15.97 -5.20 24.64
CA ARG A 51 15.27 -4.44 25.65
C ARG A 51 13.99 -3.82 25.12
N LYS A 52 13.84 -3.76 23.80
CA LYS A 52 12.68 -3.12 23.21
C LYS A 52 11.42 -3.87 23.61
N SER A 53 10.30 -3.16 23.60
CA SER A 53 9.03 -3.83 23.83
C SER A 53 8.69 -4.73 22.64
N MET A 54 7.83 -5.72 22.88
CA MET A 54 7.36 -6.52 21.74
C MET A 54 6.63 -5.67 20.74
N TRP A 55 5.97 -4.59 21.20
CA TRP A 55 5.19 -3.75 20.28
C TRP A 55 6.10 -2.89 19.41
N GLU A 56 7.15 -2.32 19.99
CA GLU A 56 8.15 -1.63 19.19
C GLU A 56 8.83 -2.59 18.20
N MET A 57 9.14 -3.81 18.63
CA MET A 57 9.71 -4.76 17.68
C MET A 57 8.69 -5.16 16.63
N TRP A 58 7.41 -5.29 17.01
CA TRP A 58 6.44 -5.65 15.99
C TRP A 58 6.24 -4.52 14.99
N GLU A 59 6.27 -3.27 15.45
CA GLU A 59 6.07 -2.17 14.52
C GLU A 59 7.21 -2.10 13.51
N ARG A 60 8.45 -2.16 13.98
CA ARG A 60 9.58 -2.20 13.08
C ARG A 60 9.48 -3.36 12.11
N CYS A 61 9.22 -4.57 12.62
CA CYS A 61 9.17 -5.73 11.75
C CYS A 61 8.04 -5.61 10.76
N ALA A 62 6.88 -5.13 11.22
CA ALA A 62 5.76 -4.95 10.30
C ALA A 62 6.09 -3.92 9.24
N HIS A 63 6.87 -2.90 9.59
CA HIS A 63 7.26 -1.91 8.61
C HIS A 63 8.15 -2.54 7.54
N HIS A 64 9.18 -3.29 7.96
CA HIS A 64 10.14 -3.83 7.00
C HIS A 64 9.53 -4.96 6.18
N LEU A 65 8.58 -5.68 6.77
CA LEU A 65 7.88 -6.70 6.00
C LEU A 65 6.95 -6.05 4.98
N THR A 66 6.21 -5.01 5.39
CA THR A 66 5.33 -4.33 4.46
C THR A 66 6.12 -3.80 3.26
N GLU A 67 7.27 -3.17 3.51
CA GLU A 67 8.13 -2.73 2.42
C GLU A 67 8.57 -3.91 1.56
N ALA A 68 8.89 -5.05 2.19
CA ALA A 68 9.29 -6.22 1.42
C ALA A 68 8.17 -6.68 0.50
N ILE A 69 6.93 -6.68 1.00
CA ILE A 69 5.78 -7.09 0.18
C ILE A 69 5.64 -6.17 -1.01
N GLN A 70 5.89 -4.88 -0.81
CA GLN A 70 5.70 -3.93 -1.89
C GLN A 70 6.59 -4.29 -3.07
N TYR A 71 7.86 -4.57 -2.81
CA TYR A 71 8.79 -5.03 -3.85
C TYR A 71 8.31 -6.31 -4.51
N VAL A 72 7.70 -7.23 -3.74
CA VAL A 72 7.18 -8.46 -4.34
C VAL A 72 5.99 -8.16 -5.24
N VAL A 73 5.05 -7.33 -4.77
CA VAL A 73 3.98 -6.87 -5.65
C VAL A 73 4.55 -6.25 -6.92
N GLU A 74 5.58 -5.41 -6.77
CA GLU A 74 6.15 -4.77 -7.93
C GLU A 74 6.75 -5.79 -8.90
N PHE A 75 7.40 -6.82 -8.35
CA PHE A 75 7.95 -7.89 -9.18
C PHE A 75 6.85 -8.62 -9.93
N ALA A 76 5.75 -8.94 -9.24
CA ALA A 76 4.61 -9.57 -9.90
C ALA A 76 4.11 -8.75 -11.07
N LYS A 77 3.84 -7.45 -10.84
CA LYS A 77 3.30 -6.62 -11.91
C LYS A 77 4.17 -6.68 -13.15
N ARG A 78 5.49 -6.87 -12.98
CA ARG A 78 6.38 -6.89 -14.13
C ARG A 78 6.55 -8.27 -14.74
N LEU A 79 6.01 -9.32 -14.13
CA LEU A 79 6.04 -10.64 -14.75
C LEU A 79 5.19 -10.64 -16.01
N SER A 80 5.79 -11.11 -17.11
CA SER A 80 5.10 -11.16 -18.39
C SER A 80 3.79 -11.91 -18.26
N GLY A 81 2.67 -11.20 -18.41
CA GLY A 81 1.36 -11.81 -18.40
C GLY A 81 0.58 -11.63 -17.12
N PHE A 82 1.22 -11.23 -16.03
CA PHE A 82 0.50 -11.09 -14.77
C PHE A 82 -0.55 -9.99 -14.83
N MET A 83 -0.22 -8.84 -15.40
CA MET A 83 -1.20 -7.75 -15.47
C MET A 83 -2.32 -8.02 -16.48
N GLU A 84 -2.18 -9.04 -17.33
CA GLU A 84 -3.28 -9.45 -18.20
C GLU A 84 -4.27 -10.39 -17.51
N LEU A 85 -3.97 -10.83 -16.29
CA LEU A 85 -4.97 -11.53 -15.50
C LEU A 85 -5.97 -10.51 -14.93
N CYS A 86 -7.17 -11.00 -14.61
CA CYS A 86 -8.16 -10.11 -14.05
C CYS A 86 -7.75 -9.66 -12.65
N GLN A 87 -8.41 -8.60 -12.17
CA GLN A 87 -8.04 -8.01 -10.88
C GLN A 87 -8.19 -9.01 -9.74
N ASN A 88 -9.21 -9.88 -9.82
CA ASN A 88 -9.41 -10.83 -8.74
C ASN A 88 -8.29 -11.87 -8.68
N ASP A 89 -7.91 -12.42 -9.83
CA ASP A 89 -6.88 -13.45 -9.80
C ASP A 89 -5.54 -12.86 -9.40
N GLN A 90 -5.25 -11.63 -9.83
CA GLN A 90 -4.05 -10.95 -9.34
C GLN A 90 -4.05 -10.88 -7.83
N ILE A 91 -5.19 -10.53 -7.24
CA ILE A 91 -5.23 -10.45 -5.78
C ILE A 91 -5.08 -11.84 -5.17
N VAL A 92 -5.72 -12.85 -5.76
CA VAL A 92 -5.64 -14.19 -5.20
C VAL A 92 -4.20 -14.67 -5.19
N LEU A 93 -3.51 -14.53 -6.32
CA LEU A 93 -2.14 -15.02 -6.42
C LEU A 93 -1.22 -14.30 -5.44
N LEU A 94 -1.35 -12.99 -5.31
CA LEU A 94 -0.43 -12.27 -4.44
C LEU A 94 -0.71 -12.53 -2.96
N LYS A 95 -1.94 -12.80 -2.58
CA LYS A 95 -2.14 -13.00 -1.14
C LYS A 95 -1.79 -14.43 -0.74
N ALA A 96 -1.99 -15.40 -1.64
CA ALA A 96 -1.50 -16.73 -1.36
C ALA A 96 0.03 -16.79 -1.40
N GLY A 97 0.67 -15.92 -2.20
CA GLY A 97 2.07 -16.14 -2.50
C GLY A 97 3.10 -15.13 -2.02
N ALA A 98 2.69 -13.89 -1.72
CA ALA A 98 3.66 -12.82 -1.49
C ALA A 98 4.57 -13.11 -0.30
N MET A 99 4.00 -13.65 0.79
CA MET A 99 4.81 -13.96 1.96
C MET A 99 5.79 -15.11 1.67
N GLU A 100 5.31 -16.16 1.01
CA GLU A 100 6.21 -17.22 0.57
C GLU A 100 7.39 -16.65 -0.21
N VAL A 101 7.16 -15.60 -1.01
CA VAL A 101 8.26 -15.03 -1.78
C VAL A 101 9.22 -14.26 -0.87
N VAL A 102 8.70 -13.57 0.15
CA VAL A 102 9.56 -12.86 1.08
C VAL A 102 10.43 -13.84 1.85
N LEU A 103 9.91 -15.01 2.17
CA LEU A 103 10.69 -15.99 2.90
C LEU A 103 11.84 -16.53 2.05
N VAL A 104 11.60 -16.70 0.74
CA VAL A 104 12.65 -17.14 -0.18
C VAL A 104 13.68 -16.03 -0.37
N ARG A 105 13.21 -14.82 -0.71
CA ARG A 105 14.10 -13.66 -0.82
C ARG A 105 14.96 -13.45 0.42
N MET A 106 14.51 -13.92 1.59
CA MET A 106 15.27 -13.68 2.80
C MET A 106 16.66 -14.32 2.74
N CYS A 107 16.80 -15.43 2.01
CA CYS A 107 18.08 -16.14 2.03
C CYS A 107 19.21 -15.34 1.39
N ARG A 108 18.89 -14.29 0.62
CA ARG A 108 19.94 -13.42 0.10
C ARG A 108 20.58 -12.56 1.19
N ALA A 109 19.80 -12.20 2.22
CA ALA A 109 20.25 -11.39 3.34
C ALA A 109 20.68 -12.22 4.54
N TYR A 110 20.78 -13.53 4.38
CA TYR A 110 21.13 -14.43 5.48
C TYR A 110 22.55 -14.89 5.27
N ASN A 111 23.41 -14.63 6.25
CA ASN A 111 24.79 -15.09 6.23
C ASN A 111 24.87 -16.44 6.94
N ALA A 112 25.17 -17.50 6.19
CA ALA A 112 25.24 -18.81 6.79
C ALA A 112 26.49 -19.01 7.64
N ASP A 113 27.59 -18.28 7.35
CA ASP A 113 28.83 -18.44 8.13
C ASP A 113 28.59 -18.21 9.61
N ASN A 114 27.86 -17.16 9.96
CA ASN A 114 27.62 -16.81 11.36
C ASN A 114 26.13 -16.83 11.74
N ARG A 115 25.24 -17.24 10.82
CA ARG A 115 23.81 -17.42 11.14
C ARG A 115 23.16 -16.10 11.53
N THR A 116 23.40 -15.08 10.72
CA THR A 116 22.85 -13.76 10.95
C THR A 116 22.01 -13.37 9.74
N VAL A 117 21.15 -12.39 9.96
CA VAL A 117 20.34 -11.84 8.89
C VAL A 117 20.57 -10.34 8.85
N PHE A 118 20.54 -9.79 7.64
CA PHE A 118 20.66 -8.35 7.49
C PHE A 118 19.35 -7.72 7.92
N PHE A 119 19.39 -6.94 9.00
CA PHE A 119 18.19 -6.34 9.57
C PHE A 119 18.51 -4.91 9.98
N GLU A 120 17.88 -3.94 9.33
CA GLU A 120 17.99 -2.54 9.75
C GLU A 120 19.43 -2.04 9.74
N GLY A 121 20.20 -2.42 8.73
CA GLY A 121 21.50 -1.82 8.49
C GLY A 121 22.68 -2.70 8.87
N LYS A 122 22.48 -3.69 9.73
CA LYS A 122 23.57 -4.54 10.17
C LYS A 122 23.11 -5.98 10.17
N TYR A 123 24.06 -6.88 10.34
CA TYR A 123 23.76 -8.29 10.49
C TYR A 123 23.64 -8.64 11.98
N GLY A 124 22.60 -9.41 12.32
CA GLY A 124 22.49 -9.96 13.65
C GLY A 124 21.87 -11.35 13.61
N GLY A 125 22.05 -12.09 14.72
CA GLY A 125 21.48 -13.41 14.85
C GLY A 125 20.01 -13.35 15.23
N MET A 126 19.45 -14.53 15.50
CA MET A 126 18.03 -14.54 15.85
C MET A 126 17.77 -13.99 17.25
N GLU A 127 18.79 -13.95 18.11
CA GLU A 127 18.67 -13.33 19.44
C GLU A 127 18.22 -11.87 19.35
N LEU A 128 18.40 -11.24 18.20
CA LEU A 128 17.89 -9.89 17.94
C LEU A 128 16.40 -9.78 18.20
N PHE A 129 15.65 -10.84 17.93
CA PHE A 129 14.20 -10.79 17.96
C PHE A 129 13.64 -11.39 19.23
N ARG A 130 14.45 -11.45 20.28
CA ARG A 130 14.00 -12.08 21.52
C ARG A 130 12.71 -11.43 22.04
N ALA A 131 12.62 -10.09 21.98
CA ALA A 131 11.46 -9.39 22.54
C ALA A 131 10.13 -9.89 21.99
N LEU A 132 10.12 -10.41 20.76
CA LEU A 132 8.90 -10.91 20.15
C LEU A 132 8.36 -12.13 20.87
N GLY A 133 9.19 -12.85 21.59
CA GLY A 133 8.70 -14.00 22.34
C GLY A 133 8.21 -15.13 21.47
N CYS A 134 8.82 -15.33 20.30
CA CYS A 134 8.51 -16.49 19.46
C CYS A 134 9.78 -17.02 18.78
N SER A 135 10.74 -17.44 19.61
CA SER A 135 11.99 -17.97 19.10
C SER A 135 11.80 -19.23 18.26
N GLU A 136 10.72 -20.00 18.47
CA GLU A 136 10.46 -21.17 17.63
C GLU A 136 10.19 -20.76 16.18
N LEU A 137 9.30 -19.78 15.98
CA LEU A 137 9.01 -19.31 14.64
C LEU A 137 10.24 -18.65 14.00
N ILE A 138 11.01 -17.91 14.79
CA ILE A 138 12.23 -17.29 14.27
C ILE A 138 13.24 -18.36 13.90
N SER A 139 13.42 -19.39 14.76
CA SER A 139 14.38 -20.45 14.45
C SER A 139 14.02 -21.12 13.14
N SER A 140 12.71 -21.36 12.94
CA SER A 140 12.24 -22.00 11.72
C SER A 140 12.66 -21.23 10.47
N ILE A 141 12.52 -19.90 10.47
CA ILE A 141 12.86 -19.21 9.23
C ILE A 141 14.36 -18.99 9.12
N PHE A 142 15.07 -18.94 10.24
CA PHE A 142 16.53 -18.92 10.16
C PHE A 142 17.06 -20.25 9.62
N ASP A 143 16.46 -21.37 10.03
CA ASP A 143 16.92 -22.66 9.55
C ASP A 143 16.55 -22.87 8.09
N PHE A 144 15.35 -22.41 7.70
CA PHE A 144 14.95 -22.50 6.30
C PHE A 144 15.88 -21.67 5.41
N SER A 145 16.23 -20.44 5.83
CA SER A 145 17.20 -19.63 5.11
C SER A 145 18.54 -20.36 5.02
N HIS A 146 18.94 -20.98 6.11
CA HIS A 146 20.22 -21.68 6.14
C HIS A 146 20.24 -22.79 5.10
N SER A 147 19.13 -23.54 4.96
CA SER A 147 19.07 -24.60 3.97
C SER A 147 19.11 -24.06 2.55
N LEU A 148 18.38 -22.97 2.28
CA LEU A 148 18.43 -22.39 0.95
C LEU A 148 19.80 -21.81 0.65
N SER A 149 20.49 -21.29 1.67
CA SER A 149 21.85 -20.79 1.45
C SER A 149 22.77 -21.91 0.99
N ALA A 150 22.56 -23.12 1.52
CA ALA A 150 23.32 -24.26 1.07
C ALA A 150 23.25 -24.42 -0.44
N LEU A 151 22.21 -23.89 -1.08
CA LEU A 151 22.04 -24.13 -2.51
C LEU A 151 22.80 -23.13 -3.37
N HIS A 152 23.23 -22.01 -2.78
CA HIS A 152 23.88 -20.94 -3.51
C HIS A 152 23.00 -20.46 -4.67
N PHE A 153 21.72 -20.26 -4.40
CA PHE A 153 20.83 -19.65 -5.37
C PHE A 153 21.51 -18.48 -6.06
N SER A 154 21.50 -18.49 -7.39
CA SER A 154 21.87 -17.28 -8.08
C SER A 154 20.69 -16.32 -8.07
N GLU A 155 20.96 -15.08 -8.48
CA GLU A 155 19.88 -14.10 -8.55
C GLU A 155 18.80 -14.53 -9.52
N ASP A 156 19.17 -15.20 -10.60
CA ASP A 156 18.22 -15.61 -11.62
C ASP A 156 17.45 -16.85 -11.20
N GLU A 157 18.06 -17.73 -10.43
CA GLU A 157 17.32 -18.86 -9.87
C GLU A 157 16.25 -18.36 -8.92
N ILE A 158 16.62 -17.45 -8.01
CA ILE A 158 15.63 -16.81 -7.14
C ILE A 158 14.52 -16.16 -7.97
N ALA A 159 14.88 -15.37 -9.00
CA ALA A 159 13.86 -14.75 -9.85
C ALA A 159 12.88 -15.77 -10.42
N LEU A 160 13.41 -16.85 -11.01
CA LEU A 160 12.52 -17.79 -11.70
C LEU A 160 11.74 -18.64 -10.70
N TYR A 161 12.38 -18.99 -9.59
CA TYR A 161 11.70 -19.79 -8.58
C TYR A 161 10.60 -18.99 -7.88
N THR A 162 10.89 -17.74 -7.48
CA THR A 162 9.83 -16.94 -6.85
C THR A 162 8.70 -16.58 -7.84
N ALA A 163 8.99 -16.49 -9.14
CA ALA A 163 7.89 -16.31 -10.10
C ALA A 163 6.91 -17.47 -10.06
N LEU A 164 7.41 -18.70 -9.95
CA LEU A 164 6.56 -19.87 -9.90
C LEU A 164 5.90 -20.07 -8.54
N VAL A 165 6.53 -19.61 -7.46
CA VAL A 165 5.81 -19.52 -6.19
C VAL A 165 4.56 -18.65 -6.34
N LEU A 166 4.69 -17.53 -7.07
CA LEU A 166 3.56 -16.64 -7.26
C LEU A 166 2.55 -17.22 -8.22
N ILE A 167 3.03 -17.70 -9.37
CA ILE A 167 2.15 -17.98 -10.51
C ILE A 167 1.78 -19.45 -10.38
N ASN A 168 0.77 -19.69 -9.55
CA ASN A 168 0.42 -21.04 -9.13
C ASN A 168 -1.05 -21.23 -9.45
N ALA A 169 -1.34 -22.08 -10.44
CA ALA A 169 -2.71 -22.21 -10.91
C ALA A 169 -3.59 -22.99 -9.96
N HIS A 170 -3.06 -23.46 -8.84
CA HIS A 170 -3.86 -24.25 -7.92
C HIS A 170 -4.38 -23.44 -6.74
N ARG A 171 -4.06 -22.15 -6.69
CA ARG A 171 -4.57 -21.32 -5.61
C ARG A 171 -6.09 -21.32 -5.64
N PRO A 172 -6.74 -21.57 -4.52
CA PRO A 172 -8.22 -21.48 -4.49
C PRO A 172 -8.67 -20.09 -4.88
N GLY A 173 -9.89 -20.01 -5.42
CA GLY A 173 -10.50 -18.73 -5.70
C GLY A 173 -10.11 -18.06 -7.00
N LEU A 174 -9.33 -18.71 -7.85
CA LEU A 174 -9.03 -18.14 -9.15
C LEU A 174 -10.24 -18.24 -10.07
N GLN A 175 -10.45 -17.20 -10.88
CA GLN A 175 -11.57 -17.19 -11.80
C GLN A 175 -11.19 -17.65 -13.20
N GLU A 176 -9.93 -17.45 -13.60
CA GLU A 176 -9.47 -17.83 -14.92
C GLU A 176 -8.29 -18.79 -14.76
N LYS A 177 -8.54 -19.95 -14.14
CA LYS A 177 -7.48 -20.89 -13.81
C LYS A 177 -6.70 -21.35 -15.04
N ARG A 178 -7.39 -21.49 -16.18
CA ARG A 178 -6.70 -21.85 -17.42
C ARG A 178 -5.66 -20.81 -17.80
N LYS A 179 -5.97 -19.52 -17.62
CA LYS A 179 -5.02 -18.48 -17.97
C LYS A 179 -3.81 -18.51 -17.03
N VAL A 180 -4.04 -18.81 -15.75
CA VAL A 180 -2.93 -18.95 -14.82
C VAL A 180 -2.13 -20.22 -15.11
N GLU A 181 -2.82 -21.31 -15.49
CA GLU A 181 -2.13 -22.53 -15.89
C GLU A 181 -1.17 -22.28 -17.03
N GLN A 182 -1.61 -21.48 -18.02
CA GLN A 182 -0.77 -21.17 -19.16
C GLN A 182 0.43 -20.36 -18.73
N LEU A 183 0.25 -19.45 -17.78
CA LEU A 183 1.37 -18.67 -17.27
C LEU A 183 2.34 -19.54 -16.49
N GLN A 184 1.80 -20.39 -15.61
CA GLN A 184 2.65 -21.22 -14.78
C GLN A 184 3.48 -22.16 -15.64
N TYR A 185 2.88 -22.74 -16.68
CA TYR A 185 3.61 -23.65 -17.56
C TYR A 185 4.76 -22.95 -18.28
N ASN A 186 4.47 -21.80 -18.89
CA ASN A 186 5.56 -21.08 -19.57
C ASN A 186 6.67 -20.71 -18.59
N LEU A 187 6.33 -20.43 -17.32
CA LEU A 187 7.38 -20.11 -16.37
C LEU A 187 8.17 -21.35 -15.99
N GLU A 188 7.50 -22.51 -15.87
CA GLU A 188 8.19 -23.78 -15.64
C GLU A 188 9.15 -24.09 -16.77
N LEU A 189 8.74 -23.86 -18.03
CA LEU A 189 9.64 -24.07 -19.15
C LEU A 189 10.86 -23.17 -19.04
N ALA A 190 10.63 -21.89 -18.74
CA ALA A 190 11.73 -20.93 -18.59
C ALA A 190 12.68 -21.37 -17.47
N PHE A 191 12.12 -21.76 -16.33
CA PHE A 191 12.94 -22.19 -15.21
C PHE A 191 13.76 -23.43 -15.57
N HIS A 192 13.11 -24.46 -16.11
CA HIS A 192 13.80 -25.71 -16.41
C HIS A 192 14.83 -25.54 -17.51
N HIS A 193 14.52 -24.74 -18.54
CA HIS A 193 15.50 -24.48 -19.58
C HIS A 193 16.70 -23.75 -19.03
N HIS A 194 16.46 -22.72 -18.22
CA HIS A 194 17.58 -21.94 -17.71
C HIS A 194 18.48 -22.74 -16.79
N LEU A 195 17.91 -23.71 -16.06
CA LEU A 195 18.73 -24.60 -15.26
C LEU A 195 19.67 -25.44 -16.13
N CYS A 196 19.21 -25.86 -17.32
CA CYS A 196 20.10 -26.61 -18.22
C CYS A 196 21.19 -25.71 -18.79
N LYS A 197 20.84 -24.48 -19.15
CA LYS A 197 21.80 -23.55 -19.74
C LYS A 197 22.92 -23.22 -18.77
N THR A 198 22.61 -23.17 -17.48
CA THR A 198 23.60 -22.86 -16.47
C THR A 198 24.11 -24.09 -15.75
N HIS A 199 23.68 -25.29 -16.14
CA HIS A 199 24.13 -26.57 -15.58
C HIS A 199 23.78 -26.67 -14.11
N ARG A 200 22.58 -26.21 -13.77
CA ARG A 200 22.11 -26.16 -12.39
C ARG A 200 20.90 -27.05 -12.17
N GLN A 201 20.69 -28.03 -13.06
CA GLN A 201 19.56 -28.94 -12.89
C GLN A 201 19.61 -29.68 -11.57
N SER A 202 20.75 -29.64 -10.85
CA SER A 202 20.84 -30.36 -9.58
C SER A 202 20.09 -29.70 -8.44
N ILE A 203 19.66 -28.43 -8.58
CA ILE A 203 18.95 -27.84 -7.46
C ILE A 203 17.47 -28.19 -7.45
N LEU A 204 16.90 -28.58 -8.60
CA LEU A 204 15.47 -28.90 -8.66
C LEU A 204 15.07 -29.84 -7.53
N ALA A 205 15.87 -30.88 -7.29
CA ALA A 205 15.54 -31.87 -6.26
C ALA A 205 15.86 -31.41 -4.84
N LYS A 206 16.55 -30.28 -4.66
CA LYS A 206 16.94 -29.81 -3.34
C LYS A 206 16.08 -28.66 -2.83
N LEU A 207 15.23 -28.11 -3.68
CA LEU A 207 14.26 -27.09 -3.31
C LEU A 207 13.28 -27.62 -2.27
N PRO A 208 12.76 -26.75 -1.41
CA PRO A 208 11.71 -27.16 -0.49
C PRO A 208 10.42 -27.41 -1.25
N PRO A 209 9.71 -28.49 -0.93
CA PRO A 209 8.42 -28.73 -1.58
C PRO A 209 7.43 -27.60 -1.27
N LYS A 210 6.49 -27.40 -2.22
CA LYS A 210 5.53 -26.30 -2.12
C LYS A 210 4.86 -26.23 -0.76
N GLY A 211 4.74 -27.37 -0.07
CA GLY A 211 4.11 -27.42 1.23
C GLY A 211 4.91 -26.81 2.35
N LYS A 212 6.26 -26.78 2.24
CA LYS A 212 7.05 -26.27 3.35
C LYS A 212 7.04 -24.74 3.41
N LEU A 213 7.12 -24.06 2.27
CA LEU A 213 6.91 -22.61 2.27
C LEU A 213 5.56 -22.27 2.85
N ARG A 214 4.52 -22.98 2.41
CA ARG A 214 3.17 -22.71 2.86
C ARG A 214 3.04 -22.95 4.36
N SER A 215 3.52 -24.10 4.84
CA SER A 215 3.38 -24.41 6.26
C SER A 215 4.19 -23.43 7.10
N LEU A 216 5.34 -22.98 6.60
CA LEU A 216 6.17 -22.05 7.35
C LEU A 216 5.53 -20.66 7.43
N CYS A 217 4.84 -20.24 6.35
CA CYS A 217 4.19 -18.94 6.34
C CYS A 217 2.85 -18.98 7.05
N SER A 218 2.14 -20.12 6.98
CA SER A 218 0.93 -20.30 7.77
C SER A 218 1.22 -20.18 9.25
N GLN A 219 2.43 -20.57 9.68
CA GLN A 219 2.78 -20.51 11.10
C GLN A 219 2.93 -19.08 11.59
N HIS A 220 3.27 -18.15 10.70
CA HIS A 220 3.51 -16.76 11.05
C HIS A 220 2.28 -15.88 10.85
N VAL A 221 1.48 -16.14 9.81
CA VAL A 221 0.32 -15.31 9.53
C VAL A 221 -0.68 -15.34 10.69
N GLU A 222 -0.64 -16.39 11.53
CA GLU A 222 -1.50 -16.41 12.72
C GLU A 222 -1.04 -15.39 13.76
N ARG A 223 0.27 -15.27 13.97
CA ARG A 223 0.81 -14.29 14.90
C ARG A 223 0.75 -12.88 14.32
N LEU A 224 0.80 -12.76 13.00
CA LEU A 224 0.79 -11.45 12.35
C LEU A 224 -0.58 -10.79 12.37
N GLN A 225 -1.65 -11.59 12.33
CA GLN A 225 -2.98 -10.99 12.30
C GLN A 225 -3.45 -10.60 13.68
N ILE A 226 -3.09 -11.37 14.72
CA ILE A 226 -3.41 -10.94 16.08
C ILE A 226 -2.58 -9.73 16.46
N PHE A 227 -1.35 -9.64 15.95
CA PHE A 227 -0.50 -8.48 16.23
C PHE A 227 -0.97 -7.24 15.47
N GLN A 228 -1.48 -7.43 14.25
CA GLN A 228 -1.88 -6.29 13.42
C GLN A 228 -3.19 -5.68 13.88
N HIS A 229 -4.08 -6.48 14.49
CA HIS A 229 -5.37 -5.99 14.93
C HIS A 229 -5.37 -5.49 16.37
N LEU A 230 -4.29 -5.73 17.12
CA LEU A 230 -4.13 -5.09 18.42
C LEU A 230 -3.50 -3.70 18.31
N HIS A 231 -2.85 -3.39 17.17
CA HIS A 231 -2.42 -2.05 16.76
C HIS A 231 -1.78 -2.11 15.37
N PRO A 232 -2.36 -1.42 14.34
CA PRO A 232 -1.84 -1.55 12.96
C PRO A 232 -0.67 -0.62 12.61
N ILE A 233 -0.37 -0.49 11.31
CA ILE A 233 0.79 0.26 10.85
C ILE A 233 0.51 0.75 9.42
N VAL A 234 1.11 1.90 9.07
CA VAL A 234 0.93 2.52 7.75
C VAL A 234 2.29 3.00 7.25
N VAL A 235 2.66 2.57 6.03
CA VAL A 235 4.03 2.69 5.51
C VAL A 235 4.02 3.24 4.10
N GLN A 236 4.95 4.17 3.82
CA GLN A 236 5.06 4.81 2.50
C GLN A 236 5.47 3.80 1.42
N ALA A 237 5.04 4.09 0.19
CA ALA A 237 5.22 3.20 -0.94
C ALA A 237 6.37 3.68 -1.83
N ALA A 238 6.60 2.93 -2.92
CA ALA A 238 7.67 3.26 -3.86
C ALA A 238 7.17 3.15 -5.30
N TYR B 5 -29.84 1.08 13.44
CA TYR B 5 -29.47 1.77 14.68
C TYR B 5 -30.66 2.01 15.61
N ALA B 6 -31.75 2.55 15.07
CA ALA B 6 -33.04 2.59 15.76
C ALA B 6 -33.00 3.33 17.09
N SER B 7 -32.10 4.29 17.23
CA SER B 7 -32.07 5.16 18.40
C SER B 7 -31.16 6.33 18.10
N LEU B 8 -31.43 7.47 18.73
CA LEU B 8 -30.64 8.64 18.43
C LEU B 8 -29.31 8.64 19.17
N THR B 9 -29.23 7.93 20.29
CA THR B 9 -27.97 7.89 21.02
C THR B 9 -26.92 7.03 20.31
N GLU B 10 -27.37 5.99 19.60
CA GLU B 10 -26.42 5.22 18.82
C GLU B 10 -25.87 6.04 17.65
N ILE B 11 -26.71 6.89 17.05
CA ILE B 11 -26.24 7.78 16.00
C ILE B 11 -25.16 8.71 16.52
N GLU B 12 -25.33 9.25 17.72
CA GLU B 12 -24.29 10.11 18.29
C GLU B 12 -22.99 9.35 18.52
N HIS B 13 -23.08 8.07 18.87
CA HIS B 13 -21.88 7.25 19.01
C HIS B 13 -21.19 7.08 17.66
N LEU B 14 -21.98 6.92 16.59
CA LEU B 14 -21.45 6.92 15.24
C LEU B 14 -20.74 8.23 14.91
N VAL B 15 -21.42 9.37 15.16
CA VAL B 15 -20.84 10.68 14.88
C VAL B 15 -19.48 10.80 15.56
N GLN B 16 -19.42 10.49 16.85
CA GLN B 16 -18.16 10.60 17.57
C GLN B 16 -17.11 9.64 17.00
N SER B 17 -17.53 8.44 16.60
CA SER B 17 -16.55 7.48 16.09
C SER B 17 -16.00 7.93 14.73
N VAL B 18 -16.88 8.37 13.84
CA VAL B 18 -16.44 8.89 12.54
C VAL B 18 -15.48 10.06 12.73
N CYS B 19 -15.75 10.93 13.71
CA CYS B 19 -14.89 12.08 13.96
C CYS B 19 -13.58 11.68 14.61
N LYS B 20 -13.59 10.68 15.49
CA LYS B 20 -12.35 10.21 16.05
C LYS B 20 -11.50 9.55 14.97
N SER B 21 -12.14 8.79 14.07
CA SER B 21 -11.43 8.14 12.98
C SER B 21 -10.71 9.15 12.11
N TYR B 22 -11.38 10.26 11.81
CA TYR B 22 -10.79 11.31 10.98
C TYR B 22 -9.70 12.04 11.73
N ARG B 23 -9.88 12.31 13.03
CA ARG B 23 -8.81 12.95 13.78
C ARG B 23 -7.54 12.11 13.76
N GLU B 24 -7.68 10.79 13.83
CA GLU B 24 -6.53 9.89 13.83
C GLU B 24 -5.87 9.78 12.47
N THR B 25 -6.58 10.06 11.39
CA THR B 25 -6.07 9.82 10.05
C THR B 25 -6.07 11.07 9.18
N CYS B 26 -6.23 12.25 9.77
CA CYS B 26 -6.33 13.44 8.93
C CYS B 26 -5.01 13.81 8.29
N GLN B 27 -3.92 13.08 8.63
CA GLN B 27 -2.62 13.22 7.99
C GLN B 27 -1.91 14.52 8.38
N LEU B 28 -2.49 15.66 8.02
CA LEU B 28 -1.97 16.97 8.42
C LEU B 28 -2.91 17.58 9.44
N ARG B 29 -2.40 17.87 10.62
CA ARG B 29 -3.24 18.46 11.66
C ARG B 29 -3.61 19.88 11.25
N LEU B 30 -4.86 20.25 11.54
CA LEU B 30 -5.38 21.54 11.08
C LEU B 30 -4.61 22.69 11.70
N GLU B 31 -4.37 22.62 13.00
CA GLU B 31 -3.67 23.72 13.67
C GLU B 31 -2.29 23.93 13.10
N ASP B 32 -1.66 22.85 12.60
CA ASP B 32 -0.35 22.98 11.98
C ASP B 32 -0.44 23.58 10.59
N LEU B 33 -1.46 23.20 9.83
CA LEU B 33 -1.70 23.87 8.54
C LEU B 33 -1.91 25.38 8.74
N LEU B 34 -2.64 25.78 9.78
CA LEU B 34 -2.94 27.19 9.97
C LEU B 34 -1.71 28.01 10.33
N ARG B 35 -0.93 27.56 11.31
CA ARG B 35 0.28 28.28 11.67
C ARG B 35 1.22 28.41 10.48
N GLN B 36 1.23 27.42 9.59
CA GLN B 36 2.11 27.39 8.43
C GLN B 36 1.68 28.33 7.31
N ARG B 37 0.55 29.02 7.43
CA ARG B 37 0.08 29.87 6.33
C ARG B 37 1.09 30.96 5.99
N SER B 38 1.82 31.47 6.96
CA SER B 38 2.81 32.51 6.69
C SER B 38 4.10 31.94 6.07
N ASN B 39 4.18 30.63 5.84
CA ASN B 39 5.37 29.99 5.30
C ASN B 39 5.11 29.68 3.82
N ILE B 40 5.70 30.49 2.95
CA ILE B 40 5.32 30.57 1.54
C ILE B 40 6.59 30.54 0.69
N PHE B 41 6.53 29.83 -0.43
CA PHE B 41 7.70 29.69 -1.30
C PHE B 41 8.10 31.05 -1.86
N SER B 42 9.41 31.31 -1.88
CA SER B 42 9.92 32.50 -2.53
C SER B 42 9.88 32.32 -4.05
N ARG B 43 10.08 33.44 -4.77
CA ARG B 43 10.12 33.37 -6.22
C ARG B 43 11.16 32.37 -6.68
N GLU B 44 12.34 32.39 -6.05
CA GLU B 44 13.39 31.43 -6.37
C GLU B 44 12.92 30.00 -6.15
N GLU B 45 12.22 29.74 -5.04
CA GLU B 45 11.76 28.38 -4.79
C GLU B 45 10.72 27.96 -5.82
N VAL B 46 9.79 28.86 -6.16
CA VAL B 46 8.77 28.54 -7.15
C VAL B 46 9.44 28.26 -8.50
N THR B 47 10.43 29.08 -8.86
CA THR B 47 11.14 28.88 -10.12
C THR B 47 11.86 27.53 -10.15
N GLY B 48 12.43 27.13 -9.01
CA GLY B 48 13.07 25.82 -8.91
C GLY B 48 12.09 24.70 -9.20
N TYR B 49 10.84 24.87 -8.79
CA TYR B 49 9.82 23.86 -9.07
C TYR B 49 9.44 23.86 -10.54
N GLN B 50 9.37 25.05 -11.15
CA GLN B 50 8.90 25.15 -12.52
C GLN B 50 9.94 24.66 -13.52
N ARG B 51 11.23 24.66 -13.15
CA ARG B 51 12.29 24.15 -14.00
C ARG B 51 12.36 22.63 -13.97
N LYS B 52 11.73 22.00 -12.99
CA LYS B 52 11.77 20.57 -12.89
C LYS B 52 11.10 19.95 -14.11
N SER B 53 11.56 18.75 -14.48
CA SER B 53 10.85 17.99 -15.49
C SER B 53 9.43 17.67 -15.02
N MET B 54 8.51 17.60 -16.00
CA MET B 54 7.19 17.06 -15.74
C MET B 54 7.28 15.71 -15.07
N TRP B 55 8.26 14.89 -15.48
CA TRP B 55 8.45 13.58 -14.90
C TRP B 55 8.85 13.66 -13.44
N GLU B 56 9.76 14.57 -13.09
CA GLU B 56 10.07 14.73 -11.67
C GLU B 56 8.88 15.31 -10.91
N MET B 57 8.20 16.31 -11.46
CA MET B 57 7.01 16.82 -10.78
C MET B 57 5.93 15.75 -10.66
N TRP B 58 5.80 14.88 -11.66
CA TRP B 58 4.79 13.84 -11.54
C TRP B 58 5.18 12.82 -10.48
N GLU B 59 6.47 12.48 -10.39
CA GLU B 59 6.90 11.54 -9.36
C GLU B 59 6.65 12.12 -7.97
N ARG B 60 7.01 13.37 -7.76
CA ARG B 60 6.70 13.99 -6.48
C ARG B 60 5.20 13.92 -6.21
N CYS B 61 4.38 14.37 -7.16
CA CYS B 61 2.94 14.45 -6.93
C CYS B 61 2.33 13.07 -6.72
N ALA B 62 2.75 12.08 -7.53
CA ALA B 62 2.30 10.71 -7.33
C ALA B 62 2.65 10.22 -5.94
N HIS B 63 3.82 10.58 -5.44
CA HIS B 63 4.19 10.17 -4.11
C HIS B 63 3.23 10.77 -3.08
N HIS B 64 3.09 12.10 -3.10
CA HIS B 64 2.20 12.77 -2.16
C HIS B 64 0.76 12.30 -2.29
N LEU B 65 0.33 12.00 -3.51
CA LEU B 65 -1.04 11.53 -3.67
C LEU B 65 -1.20 10.09 -3.15
N THR B 66 -0.19 9.24 -3.34
CA THR B 66 -0.24 7.90 -2.77
C THR B 66 -0.31 7.96 -1.26
N GLU B 67 0.52 8.78 -0.64
CA GLU B 67 0.47 8.89 0.82
C GLU B 67 -0.90 9.38 1.28
N ALA B 68 -1.47 10.34 0.55
CA ALA B 68 -2.80 10.87 0.89
C ALA B 68 -3.87 9.79 0.80
N ILE B 69 -3.89 9.04 -0.29
CA ILE B 69 -4.85 7.95 -0.44
C ILE B 69 -4.69 6.95 0.69
N GLN B 70 -3.45 6.69 1.12
CA GLN B 70 -3.23 5.73 2.20
C GLN B 70 -3.95 6.17 3.48
N TYR B 71 -3.88 7.46 3.81
CA TYR B 71 -4.57 7.98 4.99
C TYR B 71 -6.09 7.89 4.86
N VAL B 72 -6.61 8.11 3.64
CA VAL B 72 -8.03 7.90 3.36
C VAL B 72 -8.41 6.43 3.55
N VAL B 73 -7.61 5.51 3.02
CA VAL B 73 -7.94 4.10 3.22
C VAL B 73 -7.96 3.77 4.71
N GLU B 74 -6.99 4.31 5.45
CA GLU B 74 -6.98 4.08 6.90
C GLU B 74 -8.25 4.65 7.56
N PHE B 75 -8.73 5.79 7.07
CA PHE B 75 -9.96 6.39 7.59
C PHE B 75 -11.15 5.47 7.39
N ALA B 76 -11.28 4.93 6.17
CA ALA B 76 -12.38 4.01 5.86
C ALA B 76 -12.32 2.76 6.72
N LYS B 77 -11.14 2.17 6.89
CA LYS B 77 -11.04 0.96 7.72
C LYS B 77 -11.55 1.21 9.14
N ARG B 78 -11.44 2.44 9.62
CA ARG B 78 -11.94 2.77 10.95
C ARG B 78 -13.41 3.18 10.96
N LEU B 79 -14.05 3.39 9.81
CA LEU B 79 -15.49 3.65 9.81
C LEU B 79 -16.22 2.43 10.33
N SER B 80 -17.33 2.69 11.05
CA SER B 80 -17.85 1.75 12.03
C SER B 80 -18.17 0.40 11.41
N GLY B 81 -18.88 0.38 10.28
CA GLY B 81 -19.20 -0.87 9.63
C GLY B 81 -18.50 -1.16 8.32
N PHE B 82 -17.53 -0.34 7.92
CA PHE B 82 -16.86 -0.55 6.64
C PHE B 82 -16.17 -1.90 6.57
N MET B 83 -15.49 -2.30 7.65
CA MET B 83 -14.79 -3.58 7.68
C MET B 83 -15.73 -4.78 7.70
N GLU B 84 -17.02 -4.57 7.99
CA GLU B 84 -17.99 -5.66 7.91
C GLU B 84 -18.42 -5.93 6.47
N LEU B 85 -18.23 -4.95 5.58
CA LEU B 85 -18.46 -5.17 4.17
C LEU B 85 -17.52 -6.24 3.63
N CYS B 86 -18.02 -7.03 2.68
CA CYS B 86 -17.15 -7.98 2.00
C CYS B 86 -16.01 -7.25 1.32
N GLN B 87 -14.94 -8.00 1.06
CA GLN B 87 -13.70 -7.40 0.58
C GLN B 87 -13.89 -6.74 -0.77
N ASN B 88 -14.73 -7.32 -1.63
CA ASN B 88 -15.03 -6.72 -2.92
C ASN B 88 -15.61 -5.31 -2.77
N ASP B 89 -16.56 -5.14 -1.85
CA ASP B 89 -17.22 -3.84 -1.70
C ASP B 89 -16.30 -2.79 -1.10
N GLN B 90 -15.50 -3.17 -0.10
CA GLN B 90 -14.51 -2.24 0.41
C GLN B 90 -13.61 -1.72 -0.70
N ILE B 91 -13.20 -2.60 -1.61
CA ILE B 91 -12.35 -2.17 -2.72
C ILE B 91 -13.13 -1.31 -3.69
N VAL B 92 -14.37 -1.70 -4.00
CA VAL B 92 -15.19 -0.92 -4.93
C VAL B 92 -15.41 0.49 -4.39
N LEU B 93 -15.77 0.61 -3.10
CA LEU B 93 -16.04 1.91 -2.48
C LEU B 93 -14.78 2.78 -2.47
N LEU B 94 -13.63 2.18 -2.19
CA LEU B 94 -12.39 2.93 -2.10
C LEU B 94 -11.86 3.30 -3.47
N LYS B 95 -11.99 2.43 -4.45
CA LYS B 95 -11.45 2.80 -5.74
C LYS B 95 -12.33 3.88 -6.39
N ALA B 96 -13.63 3.90 -6.07
CA ALA B 96 -14.50 4.93 -6.61
C ALA B 96 -14.39 6.26 -5.85
N GLY B 97 -14.11 6.25 -4.56
CA GLY B 97 -14.27 7.48 -3.79
C GLY B 97 -13.06 8.06 -3.08
N ALA B 98 -11.91 7.37 -3.13
CA ALA B 98 -10.75 7.84 -2.39
C ALA B 98 -10.17 9.12 -3.01
N MET B 99 -10.13 9.21 -4.34
CA MET B 99 -9.70 10.44 -4.99
C MET B 99 -10.57 11.61 -4.57
N GLU B 100 -11.89 11.39 -4.54
CA GLU B 100 -12.82 12.46 -4.19
C GLU B 100 -12.60 12.93 -2.75
N VAL B 101 -12.45 11.98 -1.83
CA VAL B 101 -12.11 12.33 -0.44
C VAL B 101 -10.81 13.13 -0.39
N VAL B 102 -9.77 12.69 -1.13
CA VAL B 102 -8.51 13.42 -1.17
C VAL B 102 -8.73 14.86 -1.64
N LEU B 103 -9.59 15.04 -2.64
CA LEU B 103 -9.91 16.39 -3.11
C LEU B 103 -10.66 17.19 -2.04
N VAL B 104 -11.58 16.56 -1.31
CA VAL B 104 -12.27 17.27 -0.23
C VAL B 104 -11.30 17.64 0.88
N ARG B 105 -10.38 16.73 1.21
CA ARG B 105 -9.40 17.03 2.23
C ARG B 105 -8.47 18.17 1.83
N MET B 106 -8.33 18.44 0.54
CA MET B 106 -7.39 19.46 0.12
C MET B 106 -7.79 20.85 0.61
N CYS B 107 -9.08 21.07 0.89
CA CYS B 107 -9.48 22.43 1.28
C CYS B 107 -8.88 22.84 2.62
N ARG B 108 -8.53 21.88 3.48
CA ARG B 108 -7.81 22.23 4.69
C ARG B 108 -6.41 22.75 4.39
N ALA B 109 -5.77 22.25 3.35
CA ALA B 109 -4.44 22.71 3.01
C ALA B 109 -4.45 23.96 2.16
N TYR B 110 -5.62 24.54 1.92
CA TYR B 110 -5.77 25.60 0.94
C TYR B 110 -6.00 26.90 1.67
N ASN B 111 -5.27 27.94 1.30
CA ASN B 111 -5.42 29.26 1.89
C ASN B 111 -6.12 30.15 0.87
N ALA B 112 -7.38 30.51 1.15
CA ALA B 112 -8.10 31.34 0.19
C ALA B 112 -7.59 32.78 0.16
N ASP B 113 -6.87 33.24 1.19
CA ASP B 113 -6.43 34.63 1.20
C ASP B 113 -5.45 34.91 0.07
N ASN B 114 -4.61 33.93 -0.27
CA ASN B 114 -3.61 34.09 -1.30
C ASN B 114 -3.66 33.00 -2.37
N ARG B 115 -4.62 32.07 -2.27
CA ARG B 115 -4.83 31.02 -3.28
C ARG B 115 -3.61 30.14 -3.40
N THR B 116 -3.11 29.71 -2.25
CA THR B 116 -1.96 28.82 -2.17
C THR B 116 -2.38 27.53 -1.49
N VAL B 117 -1.62 26.47 -1.76
CA VAL B 117 -1.84 25.17 -1.15
C VAL B 117 -0.54 24.73 -0.48
N PHE B 118 -0.68 24.05 0.64
CA PHE B 118 0.45 23.48 1.34
C PHE B 118 1.03 22.32 0.53
N PHE B 119 2.28 22.46 0.10
CA PHE B 119 2.92 21.50 -0.78
C PHE B 119 4.37 21.35 -0.35
N GLU B 120 4.72 20.20 0.21
CA GLU B 120 6.12 19.91 0.52
C GLU B 120 6.71 20.95 1.47
N GLY B 121 5.99 21.22 2.55
CA GLY B 121 6.51 22.03 3.64
C GLY B 121 6.14 23.50 3.59
N LYS B 122 5.65 24.00 2.46
CA LYS B 122 5.35 25.42 2.34
C LYS B 122 4.11 25.62 1.50
N TYR B 123 3.59 26.84 1.53
CA TYR B 123 2.47 27.23 0.70
C TYR B 123 2.94 27.81 -0.64
N GLY B 124 2.29 27.38 -1.71
CA GLY B 124 2.54 27.95 -3.03
C GLY B 124 1.27 27.94 -3.85
N GLY B 125 1.25 28.81 -4.85
CA GLY B 125 0.12 28.90 -5.75
C GLY B 125 0.19 27.86 -6.85
N MET B 126 -0.70 28.01 -7.82
CA MET B 126 -0.80 26.98 -8.84
C MET B 126 0.37 27.01 -9.82
N GLU B 127 1.08 28.15 -9.94
CA GLU B 127 2.23 28.23 -10.82
C GLU B 127 3.34 27.29 -10.38
N LEU B 128 3.31 26.82 -9.13
CA LEU B 128 4.21 25.77 -8.65
C LEU B 128 4.17 24.52 -9.54
N PHE B 129 3.05 24.26 -10.21
CA PHE B 129 2.84 23.03 -10.94
C PHE B 129 2.93 23.22 -12.45
N ARG B 130 3.56 24.31 -12.89
CA ARG B 130 3.58 24.62 -14.31
C ARG B 130 4.19 23.50 -15.14
N ALA B 131 5.24 22.84 -14.60
CA ALA B 131 5.95 21.83 -15.37
C ALA B 131 5.08 20.62 -15.70
N LEU B 132 4.04 20.37 -14.92
CA LEU B 132 3.10 19.31 -15.23
C LEU B 132 2.33 19.54 -16.51
N GLY B 133 2.33 20.75 -17.05
CA GLY B 133 1.52 21.07 -18.22
C GLY B 133 0.05 20.73 -18.06
N CYS B 134 -0.54 21.07 -16.92
CA CYS B 134 -1.95 20.74 -16.62
C CYS B 134 -2.65 21.95 -16.02
N SER B 135 -2.62 23.07 -16.74
CA SER B 135 -3.12 24.32 -16.17
C SER B 135 -4.60 24.23 -15.82
N GLU B 136 -5.42 23.65 -16.70
CA GLU B 136 -6.85 23.64 -16.45
C GLU B 136 -7.22 22.66 -15.36
N LEU B 137 -6.57 21.49 -15.34
CA LEU B 137 -6.80 20.53 -14.25
C LEU B 137 -6.42 21.14 -12.92
N ILE B 138 -5.21 21.69 -12.83
CA ILE B 138 -4.76 22.32 -11.59
C ILE B 138 -5.66 23.50 -11.25
N SER B 139 -6.05 24.28 -12.26
CA SER B 139 -6.90 25.45 -12.00
C SER B 139 -8.28 25.02 -11.52
N SER B 140 -8.82 23.94 -12.07
CA SER B 140 -10.11 23.43 -11.61
C SER B 140 -10.08 23.06 -10.13
N ILE B 141 -8.98 22.52 -9.63
CA ILE B 141 -9.02 22.04 -8.25
C ILE B 141 -8.68 23.14 -7.25
N PHE B 142 -7.93 24.17 -7.64
CA PHE B 142 -7.79 25.32 -6.76
C PHE B 142 -9.12 26.07 -6.63
N ASP B 143 -9.87 26.16 -7.72
CA ASP B 143 -11.18 26.83 -7.67
C ASP B 143 -12.15 26.05 -6.79
N PHE B 144 -12.17 24.73 -6.93
CA PHE B 144 -13.05 23.91 -6.11
C PHE B 144 -12.69 24.03 -4.64
N SER B 145 -11.38 23.94 -4.33
CA SER B 145 -10.92 24.17 -2.96
C SER B 145 -11.35 25.54 -2.48
N HIS B 146 -11.32 26.51 -3.39
CA HIS B 146 -11.70 27.86 -3.03
C HIS B 146 -13.17 27.92 -2.64
N SER B 147 -14.04 27.21 -3.38
CA SER B 147 -15.45 27.13 -3.02
C SER B 147 -15.65 26.53 -1.63
N LEU B 148 -14.99 25.41 -1.35
CA LEU B 148 -15.19 24.73 -0.07
C LEU B 148 -14.63 25.53 1.09
N SER B 149 -13.60 26.35 0.85
CA SER B 149 -13.07 27.21 1.89
C SER B 149 -14.13 28.14 2.45
N ALA B 150 -15.02 28.62 1.57
CA ALA B 150 -16.06 29.56 1.98
C ALA B 150 -17.01 28.95 3.00
N LEU B 151 -17.19 27.63 2.97
CA LEU B 151 -18.07 26.99 3.92
C LEU B 151 -17.49 26.96 5.33
N HIS B 152 -16.21 27.27 5.48
CA HIS B 152 -15.48 27.13 6.74
C HIS B 152 -15.76 25.78 7.38
N PHE B 153 -15.64 24.73 6.58
CA PHE B 153 -15.73 23.35 7.04
C PHE B 153 -14.97 23.12 8.33
N SER B 154 -15.70 22.70 9.37
CA SER B 154 -15.07 22.17 10.57
C SER B 154 -14.55 20.76 10.31
N GLU B 155 -13.71 20.27 11.24
CA GLU B 155 -13.10 18.94 11.12
C GLU B 155 -14.16 17.85 11.15
N ASP B 156 -15.12 17.97 12.07
CA ASP B 156 -16.18 16.97 12.13
C ASP B 156 -17.07 17.02 10.88
N GLU B 157 -17.32 18.21 10.33
CA GLU B 157 -18.11 18.28 9.10
C GLU B 157 -17.39 17.56 7.96
N ILE B 158 -16.08 17.82 7.80
CA ILE B 158 -15.28 17.13 6.79
C ILE B 158 -15.33 15.62 7.01
N ALA B 159 -15.13 15.20 8.27
CA ALA B 159 -15.20 13.79 8.62
C ALA B 159 -16.51 13.17 8.17
N LEU B 160 -17.63 13.77 8.59
CA LEU B 160 -18.93 13.22 8.23
C LEU B 160 -19.16 13.27 6.73
N TYR B 161 -18.70 14.34 6.08
CA TYR B 161 -18.90 14.47 4.66
C TYR B 161 -18.08 13.44 3.88
N THR B 162 -16.80 13.30 4.21
CA THR B 162 -15.99 12.35 3.44
C THR B 162 -16.42 10.90 3.70
N ALA B 163 -16.96 10.62 4.90
CA ALA B 163 -17.57 9.32 5.14
C ALA B 163 -18.69 9.02 4.14
N LEU B 164 -19.50 10.01 3.83
CA LEU B 164 -20.58 9.83 2.85
C LEU B 164 -20.06 9.80 1.44
N VAL B 165 -18.93 10.44 1.16
CA VAL B 165 -18.38 10.31 -0.18
C VAL B 165 -17.99 8.86 -0.44
N LEU B 166 -17.49 8.18 0.59
CA LEU B 166 -17.02 6.81 0.42
C LEU B 166 -18.17 5.80 0.49
N ILE B 167 -19.07 5.99 1.46
CA ILE B 167 -20.12 4.98 1.73
C ILE B 167 -21.32 5.39 0.88
N ASN B 168 -21.22 5.09 -0.40
CA ASN B 168 -22.19 5.49 -1.41
C ASN B 168 -22.66 4.21 -2.10
N ALA B 169 -23.86 3.73 -1.75
CA ALA B 169 -24.40 2.50 -2.31
C ALA B 169 -24.73 2.60 -3.79
N HIS B 170 -24.32 3.66 -4.48
CA HIS B 170 -24.57 3.79 -5.91
C HIS B 170 -23.37 3.38 -6.75
N ARG B 171 -22.23 3.15 -6.12
CA ARG B 171 -21.04 2.70 -6.81
C ARG B 171 -21.35 1.41 -7.55
N PRO B 172 -21.18 1.37 -8.87
CA PRO B 172 -21.35 0.12 -9.60
C PRO B 172 -20.35 -0.93 -9.15
N GLY B 173 -20.79 -2.17 -9.15
CA GLY B 173 -19.93 -3.28 -8.81
C GLY B 173 -20.14 -3.84 -7.42
N LEU B 174 -21.04 -3.26 -6.63
CA LEU B 174 -21.19 -3.69 -5.25
C LEU B 174 -21.87 -5.05 -5.18
N GLN B 175 -21.34 -5.94 -4.35
CA GLN B 175 -21.92 -7.27 -4.24
C GLN B 175 -23.03 -7.32 -3.20
N GLU B 176 -22.94 -6.52 -2.15
CA GLU B 176 -23.95 -6.47 -1.10
C GLU B 176 -24.46 -5.03 -0.97
N LYS B 177 -25.13 -4.55 -2.01
CA LYS B 177 -25.62 -3.17 -2.05
C LYS B 177 -26.45 -2.81 -0.83
N ARG B 178 -27.26 -3.75 -0.31
CA ARG B 178 -28.12 -3.42 0.83
C ARG B 178 -27.30 -3.07 2.06
N LYS B 179 -26.20 -3.80 2.29
CA LYS B 179 -25.36 -3.53 3.45
C LYS B 179 -24.81 -2.12 3.41
N VAL B 180 -24.38 -1.66 2.24
CA VAL B 180 -23.82 -0.32 2.09
C VAL B 180 -24.91 0.74 2.29
N GLU B 181 -26.13 0.45 1.84
CA GLU B 181 -27.25 1.36 2.06
C GLU B 181 -27.49 1.59 3.53
N GLN B 182 -27.52 0.52 4.33
CA GLN B 182 -27.73 0.70 5.75
C GLN B 182 -26.63 1.53 6.36
N LEU B 183 -25.39 1.30 5.92
CA LEU B 183 -24.29 2.14 6.35
C LEU B 183 -24.51 3.58 5.88
N GLN B 184 -24.91 3.75 4.62
CA GLN B 184 -25.04 5.08 4.07
C GLN B 184 -26.15 5.87 4.76
N TYR B 185 -27.32 5.25 4.93
CA TYR B 185 -28.46 5.92 5.52
C TYR B 185 -28.15 6.36 6.95
N ASN B 186 -27.43 5.53 7.70
CA ASN B 186 -27.13 5.89 9.07
C ASN B 186 -26.11 7.01 9.14
N LEU B 187 -25.14 7.01 8.22
CA LEU B 187 -24.19 8.11 8.16
C LEU B 187 -24.87 9.42 7.74
N GLU B 188 -25.85 9.34 6.84
CA GLU B 188 -26.59 10.53 6.42
C GLU B 188 -27.31 11.14 7.60
N LEU B 189 -27.96 10.31 8.39
CA LEU B 189 -28.69 10.81 9.55
C LEU B 189 -27.73 11.40 10.57
N ALA B 190 -26.60 10.72 10.79
CA ALA B 190 -25.54 11.25 11.63
C ALA B 190 -25.12 12.65 11.18
N PHE B 191 -24.84 12.80 9.89
CA PHE B 191 -24.49 14.10 9.33
C PHE B 191 -25.57 15.14 9.60
N HIS B 192 -26.83 14.85 9.25
CA HIS B 192 -27.91 15.80 9.50
C HIS B 192 -28.11 16.07 10.99
N HIS B 193 -28.05 15.01 11.80
CA HIS B 193 -28.19 15.19 13.23
C HIS B 193 -27.11 16.13 13.74
N HIS B 194 -25.86 15.83 13.42
CA HIS B 194 -24.75 16.62 13.92
C HIS B 194 -24.85 18.07 13.48
N LEU B 195 -25.30 18.31 12.23
CA LEU B 195 -25.44 19.67 11.73
C LEU B 195 -26.48 20.44 12.52
N CYS B 196 -27.54 19.77 12.95
CA CYS B 196 -28.54 20.45 13.77
C CYS B 196 -27.99 20.74 15.17
N LYS B 197 -27.20 19.83 15.73
CA LYS B 197 -26.66 20.04 17.07
C LYS B 197 -25.69 21.21 17.11
N THR B 198 -25.03 21.49 15.99
CA THR B 198 -24.12 22.60 15.89
C THR B 198 -24.72 23.79 15.15
N HIS B 199 -26.02 23.74 14.82
CA HIS B 199 -26.70 24.84 14.13
C HIS B 199 -26.01 25.18 12.80
N ARG B 200 -25.69 24.15 12.03
CA ARG B 200 -24.94 24.28 10.79
C ARG B 200 -25.68 23.65 9.62
N GLN B 201 -27.00 23.49 9.72
CA GLN B 201 -27.77 22.92 8.64
C GLN B 201 -27.73 23.77 7.37
N SER B 202 -27.24 25.01 7.45
CA SER B 202 -27.11 25.82 6.23
C SER B 202 -26.10 25.24 5.25
N ILE B 203 -25.10 24.49 5.70
CA ILE B 203 -24.12 24.02 4.72
C ILE B 203 -24.75 23.04 3.74
N LEU B 204 -25.79 22.30 4.16
CA LEU B 204 -26.36 21.23 3.34
C LEU B 204 -26.74 21.70 1.94
N ALA B 205 -27.15 22.97 1.79
CA ALA B 205 -27.40 23.51 0.46
C ALA B 205 -26.13 24.01 -0.22
N LYS B 206 -25.06 24.29 0.53
CA LYS B 206 -23.85 24.88 -0.02
C LYS B 206 -22.82 23.85 -0.49
N LEU B 207 -22.98 22.58 -0.11
CA LEU B 207 -22.08 21.52 -0.51
C LEU B 207 -21.92 21.46 -2.03
N PRO B 208 -20.86 20.81 -2.52
CA PRO B 208 -20.69 20.67 -3.97
C PRO B 208 -21.75 19.76 -4.55
N PRO B 209 -22.30 20.10 -5.71
CA PRO B 209 -23.47 19.39 -6.23
C PRO B 209 -23.17 17.97 -6.70
N LYS B 210 -24.24 17.30 -7.16
CA LYS B 210 -24.16 15.90 -7.55
C LYS B 210 -23.16 15.71 -8.69
N GLY B 211 -22.21 14.81 -8.48
CA GLY B 211 -21.26 14.48 -9.52
C GLY B 211 -20.26 15.56 -9.85
N LYS B 212 -20.15 16.61 -9.03
CA LYS B 212 -19.08 17.58 -9.26
C LYS B 212 -17.76 17.05 -8.73
N LEU B 213 -17.79 16.31 -7.62
CA LEU B 213 -16.63 15.55 -7.17
C LEU B 213 -16.25 14.50 -8.21
N ARG B 214 -17.23 13.73 -8.67
CA ARG B 214 -16.97 12.68 -9.65
C ARG B 214 -16.40 13.25 -10.93
N SER B 215 -16.96 14.36 -11.42
CA SER B 215 -16.51 14.91 -12.69
C SER B 215 -15.10 15.49 -12.55
N LEU B 216 -14.81 16.17 -11.44
CA LEU B 216 -13.46 16.68 -11.24
C LEU B 216 -12.43 15.57 -11.16
N CYS B 217 -12.72 14.50 -10.41
CA CYS B 217 -11.77 13.40 -10.30
C CYS B 217 -11.72 12.57 -11.58
N SER B 218 -12.86 12.41 -12.27
CA SER B 218 -12.84 11.66 -13.53
C SER B 218 -12.03 12.37 -14.61
N GLN B 219 -11.86 13.69 -14.51
CA GLN B 219 -10.97 14.40 -15.42
C GLN B 219 -9.50 14.15 -15.11
N HIS B 220 -9.19 13.78 -13.86
CA HIS B 220 -7.82 13.54 -13.41
C HIS B 220 -7.42 12.08 -13.43
N VAL B 221 -8.37 11.15 -13.37
CA VAL B 221 -8.05 9.72 -13.28
C VAL B 221 -7.44 9.23 -14.58
N GLU B 222 -7.35 10.11 -15.58
CA GLU B 222 -6.75 9.78 -16.87
C GLU B 222 -5.32 10.31 -16.85
N ARG B 223 -4.39 9.42 -16.52
CA ARG B 223 -2.97 9.70 -16.62
C ARG B 223 -2.22 8.38 -16.71
N LEU B 224 -1.18 8.36 -17.55
CA LEU B 224 -0.30 7.22 -17.66
C LEU B 224 0.71 7.25 -16.51
N GLN B 225 0.81 6.13 -15.80
CA GLN B 225 1.76 5.96 -14.72
C GLN B 225 2.65 4.76 -14.97
N HIS C 1 -10.96 6.34 -10.78
CA HIS C 1 -10.75 5.17 -9.93
C HIS C 1 -9.29 4.82 -9.76
N VAL C 2 -8.89 4.55 -8.51
CA VAL C 2 -7.61 3.87 -8.28
C VAL C 2 -7.74 2.43 -8.76
N GLU C 3 -6.64 1.86 -9.27
CA GLU C 3 -6.66 0.46 -9.65
C GLU C 3 -7.00 -0.42 -8.44
N ARG C 4 -7.68 -1.55 -8.70
CA ARG C 4 -8.07 -2.46 -7.63
C ARG C 4 -6.85 -2.92 -6.81
N LEU C 5 -5.72 -3.15 -7.48
CA LEU C 5 -4.54 -3.66 -6.79
C LEU C 5 -4.00 -2.64 -5.79
N GLN C 6 -3.62 -1.44 -6.26
CA GLN C 6 -3.14 -0.40 -5.35
CA GLN C 6 -3.15 -0.40 -5.36
C GLN C 6 -4.08 -0.26 -4.16
N ILE C 7 -5.40 -0.24 -4.42
CA ILE C 7 -6.39 -0.16 -3.36
C ILE C 7 -6.35 -1.38 -2.46
N PHE C 8 -6.06 -2.55 -3.00
CA PHE C 8 -5.85 -3.69 -2.12
C PHE C 8 -4.59 -3.51 -1.27
N GLN C 9 -3.51 -3.00 -1.88
CA GLN C 9 -2.25 -2.78 -1.17
C GLN C 9 -2.39 -1.72 -0.08
N HIS C 10 -3.31 -0.75 -0.24
CA HIS C 10 -3.58 0.17 0.86
C HIS C 10 -4.40 -0.51 1.96
N LEU C 11 -5.36 -1.34 1.56
CA LEU C 11 -6.18 -2.07 2.54
C LEU C 11 -5.34 -3.03 3.37
N HIS C 12 -4.63 -3.96 2.71
CA HIS C 12 -3.85 -4.96 3.42
C HIS C 12 -2.40 -4.85 2.99
N PRO C 13 -1.62 -4.02 3.69
CA PRO C 13 -0.19 -3.88 3.32
C PRO C 13 0.65 -5.10 3.68
N ILE C 14 0.17 -5.97 4.59
CA ILE C 14 0.86 -7.19 4.94
C ILE C 14 0.09 -8.44 4.50
N VAL C 15 -1.24 -8.36 4.38
CA VAL C 15 -2.12 -9.50 4.10
C VAL C 15 -1.87 -10.62 5.10
C ACT D . 16.21 -3.69 6.04
O ACT D . 15.81 -4.22 7.13
OXT ACT D . 15.74 -3.82 4.88
CH3 ACT D . 17.48 -2.75 6.14
C ACT E . 19.41 -17.95 -21.25
O ACT E . 18.72 -17.00 -21.75
OXT ACT E . 19.02 -18.95 -20.55
CH3 ACT E . 20.93 -17.91 -21.57
C7 ECK F . 9.30 -11.06 11.52
C8 ECK F . 8.68 -12.21 12.32
C9 ECK F . 7.74 -11.73 13.43
O1 ECK F . 14.70 -8.31 0.51
C1 ECK F . 8.02 -14.38 6.74
C5 ECK F . 9.86 -12.85 9.84
C6 ECK F . 10.25 -11.48 10.39
C4 ECK F . 8.82 -12.87 8.71
C3 ECK F . 8.62 -14.27 8.14
C2 ECK F . 9.08 -14.22 5.67
C ECK F . 7.26 -15.67 6.56
O ECK F . 7.03 -13.90 14.18
C10 ECK F . 6.54 -12.62 13.75
C11 ECK F . 5.72 -12.03 14.89
C12 ECK F . 5.68 -12.85 12.52
C13 ECK F . 10.48 -10.41 9.31
C14 ECK F . 10.52 -8.98 9.91
C15 ECK F . 11.49 -8.16 9.02
C16 ECK F . 11.72 -9.08 7.80
C17 ECK F . 12.87 -8.77 6.83
C18 ECK F . 12.71 -7.36 6.26
C19 ECK F . 13.38 -7.16 4.94
C20 ECK F . 13.92 -8.12 4.19
C21 ECK F . 14.58 -7.80 2.88
C22 ECK F . 14.05 -8.65 1.75
C23 ECK F . 14.26 -10.12 2.07
C24 ECK F . 13.55 -10.47 3.38
C25 ECK F . 13.91 -9.58 4.61
C26 ECK F . 15.32 -9.96 5.11
C27 ECK F . 12.82 -9.81 5.70
C28 ECK F . 12.82 -11.24 6.24
C29 ECK F . 11.70 -11.48 7.26
C30 ECK F . 11.75 -10.49 8.42
C31 ECK F . 13.02 -10.72 9.28
C ACT G . 2.61 17.41 1.09
O ACT G . 2.39 16.70 2.12
OXT ACT G . 3.64 17.45 0.38
CH3 ACT G . 1.46 18.36 0.62
C ACT H . -19.27 24.03 -4.06
O ACT H . -19.11 24.08 -2.80
OXT ACT H . -18.80 23.20 -4.88
CH3 ACT H . -20.19 25.12 -4.70
C7 ECK I . -1.53 16.79 -8.67
C8 ECK I . -2.20 16.24 -9.93
C9 ECK I . -1.21 15.80 -11.01
O1 ECK I . -4.01 16.12 3.66
C1 ECK I . -7.01 15.45 -7.29
C5 ECK I . -3.95 16.79 -7.86
C6 ECK I . -2.49 17.11 -7.51
C4 ECK I . -4.42 15.41 -7.43
C3 ECK I . -5.77 15.00 -8.04
C2 ECK I . -8.26 14.91 -7.97
C ECK I . -7.00 15.07 -5.83
O ECK I . -2.59 16.11 -12.95
C10 ECK I . -1.82 15.13 -12.24
C11 ECK I . -0.74 14.61 -13.18
C12 ECK I . -2.77 14.01 -11.83
C13 ECK I . -2.02 16.52 -6.17
C14 ECK I . -0.48 16.37 -6.11
C15 ECK I . -0.10 16.39 -4.61
C16 ECK I . -1.46 16.44 -3.89
C17 ECK I . -1.52 16.87 -2.41
C18 ECK I . -0.65 15.98 -1.55
C19 ECK I . -1.02 16.00 -0.09
C20 ECK I . -2.12 16.53 0.41
C21 ECK I . -2.38 16.51 1.90
C22 ECK I . -3.79 16.07 2.25
C23 ECK I . -4.80 16.92 1.53
C24 ECK I . -4.58 16.82 0.01
C25 ECK I . -3.17 17.23 -0.45
C26 ECK I . -2.99 18.75 -0.27
C27 ECK I . -2.99 16.81 -1.94
C28 ECK I . -3.94 17.53 -2.89
C29 ECK I . -3.80 17.07 -4.34
C30 ECK I . -2.36 17.24 -4.85
C31 ECK I . -1.97 18.73 -4.91
#